data_7L0I
#
_entry.id   7L0I
#
_cell.length_a   49.135
_cell.length_b   56.296
_cell.length_c   98.335
_cell.angle_alpha   90.000
_cell.angle_beta   90.000
_cell.angle_gamma   90.000
#
_symmetry.space_group_name_H-M   'P 21 21 21'
#
loop_
_entity.id
_entity.type
_entity.pdbx_description
1 polymer Protein-tyrosine-phosphatase
2 non-polymer '4-(2-HYDROXYETHYL)-1-PIPERAZINE ETHANESULFONIC ACID'
3 water water
#
_entity_poly.entity_id   1
_entity_poly.type   'polypeptide(L)'
_entity_poly.pdbx_seq_one_letter_code
;MRERPHTSGHHGAGEARATAPSTVSPYGPEARAELSSRLTTLRNTLAPATNDPRYLQACGGEKLNRFRDIQCRRQTAVRA
DLNANYIQVGNTRTIACQYPLQSQLESHFRMLAENRTPVLAVLASSSEIANQRFGMPDYFRQSGTYGSITVESKMTQQVG
LGDGIMADMYTLTIREAGQKTISVPVVHVTNWPDQTAVSSEVTKALASLVDQTAETKRNMYESKGSSAVADDSKLRPVIH
CRAGVGRTAQLIGAMCMNDSRNSQLSVEDMVSQMRVQRNGIMVQKDEQLDVLIKLAEGQGRPLLNS
;
_entity_poly.pdbx_strand_id   A
#
loop_
_chem_comp.id
_chem_comp.type
_chem_comp.name
_chem_comp.formula
EPE non-polymer '4-(2-HYDROXYETHYL)-1-PIPERAZINE ETHANESULFONIC ACID' 'C8 H18 N2 O4 S'
#
# COMPACT_ATOMS: atom_id res chain seq x y z
N SER A 25 28.33 9.96 -9.02
CA SER A 25 28.05 9.74 -10.43
C SER A 25 26.93 8.72 -10.67
N PRO A 26 26.96 7.55 -9.99
CA PRO A 26 25.81 6.64 -10.10
C PRO A 26 24.54 7.22 -9.51
N TYR A 27 24.66 8.02 -8.46
CA TYR A 27 23.52 8.71 -7.85
C TYR A 27 23.63 10.21 -8.05
N GLY A 28 24.49 10.65 -8.95
CA GLY A 28 24.67 12.05 -9.23
C GLY A 28 23.49 12.64 -9.97
N PRO A 29 23.48 13.97 -10.14
CA PRO A 29 22.31 14.63 -10.74
C PRO A 29 22.02 14.19 -12.16
N GLU A 30 23.04 13.87 -12.95
CA GLU A 30 22.79 13.43 -14.32
C GLU A 30 22.07 12.08 -14.33
N ALA A 31 22.47 11.16 -13.45
CA ALA A 31 21.76 9.89 -13.33
C ALA A 31 20.37 10.08 -12.74
N ARG A 32 20.20 11.07 -11.87
CA ARG A 32 18.89 11.34 -11.31
C ARG A 32 17.97 11.95 -12.35
N ALA A 33 18.49 12.86 -13.16
CA ALA A 33 17.69 13.42 -14.25
C ALA A 33 17.26 12.33 -15.21
N GLU A 34 18.15 11.37 -15.50
CA GLU A 34 17.78 10.31 -16.43
C GLU A 34 16.67 9.45 -15.84
N LEU A 35 16.77 9.10 -14.56
CA LEU A 35 15.70 8.36 -13.89
C LEU A 35 14.37 9.10 -13.98
N SER A 36 14.38 10.42 -13.76
CA SER A 36 13.15 11.19 -13.83
CA SER A 36 13.15 11.19 -13.83
C SER A 36 12.59 11.22 -15.25
N SER A 37 13.46 11.43 -16.24
CA SER A 37 13.03 11.42 -17.63
C SER A 37 12.28 10.14 -17.97
N ARG A 38 12.89 8.98 -17.64
CA ARG A 38 12.28 7.68 -17.93
C ARG A 38 10.96 7.51 -17.20
N LEU A 39 10.94 7.83 -15.92
CA LEU A 39 9.73 7.61 -15.13
C LEU A 39 8.62 8.58 -15.49
N THR A 40 8.97 9.81 -15.92
CA THR A 40 7.93 10.76 -16.34
C THR A 40 7.25 10.33 -17.63
N THR A 41 8.03 9.90 -18.63
CA THR A 41 7.42 9.33 -19.83
C THR A 41 6.44 8.23 -19.46
N LEU A 42 6.86 7.31 -18.59
CA LEU A 42 6.00 6.23 -18.16
C LEU A 42 4.72 6.76 -17.52
N ARG A 43 4.83 7.73 -16.62
CA ARG A 43 3.66 8.39 -16.06
C ARG A 43 2.70 8.90 -17.13
N ASN A 44 3.23 9.65 -18.11
CA ASN A 44 2.37 10.26 -19.13
C ASN A 44 1.69 9.21 -19.99
N THR A 45 2.39 8.11 -20.28
CA THR A 45 1.84 7.01 -21.07
C THR A 45 0.74 6.26 -20.34
N LEU A 46 0.82 6.16 -19.03
CA LEU A 46 -0.14 5.40 -18.26
C LEU A 46 -1.37 6.21 -17.86
N ALA A 47 -1.40 7.51 -18.21
CA ALA A 47 -2.56 8.34 -17.92
C ALA A 47 -3.82 7.68 -18.46
N PRO A 48 -4.86 7.54 -17.64
CA PRO A 48 -6.07 6.82 -18.09
C PRO A 48 -6.82 7.59 -19.17
N ALA A 49 -7.03 6.95 -20.31
CA ALA A 49 -8.01 7.47 -21.24
C ALA A 49 -9.42 7.17 -20.72
N THR A 50 -10.41 7.77 -21.38
CA THR A 50 -11.79 7.43 -21.09
C THR A 50 -12.07 5.98 -21.46
N ASN A 51 -12.81 5.30 -20.60
CA ASN A 51 -13.08 3.86 -20.74
C ASN A 51 -11.81 3.07 -21.12
N ASP A 52 -10.73 3.35 -20.40
CA ASP A 52 -9.41 2.79 -20.74
C ASP A 52 -9.38 1.27 -20.52
N PRO A 53 -9.04 0.48 -21.53
CA PRO A 53 -8.99 -0.98 -21.33
C PRO A 53 -7.99 -1.43 -20.27
N ARG A 54 -6.92 -0.65 -20.04
CA ARG A 54 -5.95 -1.01 -19.01
C ARG A 54 -6.47 -0.81 -17.60
N TYR A 55 -7.61 -0.15 -17.40
CA TYR A 55 -8.05 0.24 -16.07
C TYR A 55 -9.45 -0.28 -15.76
N LEU A 56 -9.63 -0.64 -14.50
CA LEU A 56 -10.91 -1.10 -14.00
C LEU A 56 -11.96 0.01 -14.13
N GLN A 57 -13.13 -0.33 -14.64
CA GLN A 57 -14.21 0.63 -14.81
C GLN A 57 -15.30 0.39 -13.78
N ALA A 58 -15.93 1.48 -13.34
CA ALA A 58 -17.04 1.39 -12.40
C ALA A 58 -18.27 0.79 -13.06
N CYS A 59 -19.10 0.15 -12.26
CA CYS A 59 -20.28 -0.56 -12.73
C CYS A 59 -21.53 0.22 -12.33
N GLY A 60 -22.32 0.59 -13.34
CA GLY A 60 -23.69 1.02 -13.12
C GLY A 60 -23.95 2.24 -12.26
N GLY A 61 -22.92 3.00 -11.91
CA GLY A 61 -23.16 4.24 -11.20
C GLY A 61 -22.39 4.42 -9.92
N GLU A 62 -22.09 3.31 -9.22
CA GLU A 62 -21.26 3.38 -8.02
C GLU A 62 -19.94 4.05 -8.33
N LYS A 63 -19.56 5.00 -7.50
CA LYS A 63 -18.22 5.57 -7.62
C LYS A 63 -17.21 4.48 -7.27
N LEU A 64 -16.17 4.36 -8.09
CA LEU A 64 -15.14 3.37 -7.83
C LEU A 64 -13.82 4.02 -7.43
N ASN A 65 -13.40 5.04 -8.18
CA ASN A 65 -12.14 5.71 -7.94
C ASN A 65 -12.33 6.89 -6.99
N ARG A 66 -11.65 6.86 -5.84
CA ARG A 66 -11.71 8.00 -4.93
C ARG A 66 -11.31 9.30 -5.64
N PHE A 67 -10.30 9.22 -6.49
CA PHE A 67 -9.90 10.32 -7.35
C PHE A 67 -10.05 9.89 -8.80
N ARG A 68 -10.79 10.70 -9.57
CA ARG A 68 -11.19 10.31 -10.92
C ARG A 68 -9.99 9.90 -11.76
N ASP A 69 -8.87 10.62 -11.62
CA ASP A 69 -7.71 10.44 -12.48
C ASP A 69 -6.70 9.42 -11.92
N ILE A 70 -7.03 8.73 -10.84
CA ILE A 70 -6.13 7.79 -10.16
C ILE A 70 -6.82 6.43 -10.21
N GLN A 71 -6.51 5.61 -11.23
CA GLN A 71 -7.31 4.42 -11.47
C GLN A 71 -6.56 3.14 -11.11
N CYS A 72 -7.23 2.02 -11.32
CA CYS A 72 -6.81 0.73 -10.79
C CYS A 72 -6.60 -0.23 -11.96
N ARG A 73 -5.33 -0.57 -12.19
CA ARG A 73 -4.95 -1.47 -13.29
C ARG A 73 -5.79 -2.74 -13.30
N ARG A 74 -6.43 -3.01 -14.43
CA ARG A 74 -7.36 -4.13 -14.50
C ARG A 74 -6.66 -5.47 -14.35
N GLN A 75 -5.50 -5.64 -14.99
CA GLN A 75 -4.81 -6.94 -14.95
C GLN A 75 -4.53 -7.39 -13.51
N THR A 76 -4.30 -6.45 -12.61
CA THR A 76 -3.86 -6.78 -11.26
C THR A 76 -4.89 -6.43 -10.19
N ALA A 77 -6.13 -6.13 -10.59
CA ALA A 77 -7.14 -5.73 -9.62
C ALA A 77 -7.51 -6.90 -8.72
N VAL A 78 -7.70 -6.60 -7.43
CA VAL A 78 -8.02 -7.62 -6.44
C VAL A 78 -9.51 -7.98 -6.48
N ARG A 79 -10.39 -6.98 -6.62
CA ARG A 79 -11.84 -7.18 -6.66
C ARG A 79 -12.46 -6.24 -7.68
N ALA A 80 -13.58 -6.67 -8.28
CA ALA A 80 -14.24 -5.88 -9.30
C ALA A 80 -14.60 -4.48 -8.81
N ASP A 81 -14.99 -4.35 -7.54
CA ASP A 81 -15.57 -3.11 -7.02
C ASP A 81 -14.68 -2.43 -5.99
N LEU A 82 -13.37 -2.64 -6.09
CA LEU A 82 -12.41 -1.93 -5.27
C LEU A 82 -11.35 -1.33 -6.16
N ASN A 83 -10.77 -0.22 -5.71
CA ASN A 83 -9.59 0.39 -6.31
C ASN A 83 -8.43 -0.12 -5.46
N ALA A 84 -7.85 -1.24 -5.90
CA ALA A 84 -6.90 -2.04 -5.15
C ALA A 84 -6.18 -2.98 -6.11
N ASN A 85 -4.86 -3.09 -5.98
CA ASN A 85 -4.07 -3.94 -6.86
C ASN A 85 -3.11 -4.86 -6.12
N TYR A 86 -2.97 -6.07 -6.67
CA TYR A 86 -1.81 -6.91 -6.38
C TYR A 86 -0.56 -6.24 -6.93
N ILE A 87 0.45 -6.11 -6.08
CA ILE A 87 1.72 -5.51 -6.45
C ILE A 87 2.81 -6.55 -6.23
N GLN A 88 3.62 -6.80 -7.26
CA GLN A 88 4.84 -7.59 -7.08
C GLN A 88 6.02 -6.76 -7.56
N VAL A 89 6.93 -6.46 -6.66
CA VAL A 89 8.14 -5.72 -6.99
C VAL A 89 9.30 -6.67 -6.73
N GLY A 90 9.95 -7.11 -7.81
CA GLY A 90 10.84 -8.24 -7.72
C GLY A 90 10.12 -9.41 -7.08
N ASN A 91 10.50 -9.75 -5.84
CA ASN A 91 9.93 -10.88 -5.13
C ASN A 91 8.93 -10.49 -4.04
N THR A 92 8.74 -9.19 -3.81
CA THR A 92 7.89 -8.71 -2.71
C THR A 92 6.45 -8.52 -3.19
N ARG A 93 5.52 -9.20 -2.54
CA ARG A 93 4.11 -9.22 -2.93
C ARG A 93 3.28 -8.49 -1.88
N THR A 94 2.59 -7.43 -2.29
CA THR A 94 1.71 -6.67 -1.43
C THR A 94 0.37 -6.44 -2.14
N ILE A 95 -0.51 -5.71 -1.47
CA ILE A 95 -1.68 -5.08 -2.07
C ILE A 95 -1.60 -3.61 -1.76
N ALA A 96 -1.68 -2.77 -2.80
CA ALA A 96 -1.85 -1.33 -2.65
C ALA A 96 -3.28 -0.96 -3.03
N CYS A 97 -3.90 -0.06 -2.26
CA CYS A 97 -5.26 0.34 -2.56
C CYS A 97 -5.48 1.79 -2.12
N GLN A 98 -6.60 2.36 -2.56
CA GLN A 98 -7.04 3.65 -2.05
C GLN A 98 -7.74 3.45 -0.71
N TYR A 99 -7.85 4.53 0.06
CA TYR A 99 -8.70 4.47 1.23
C TYR A 99 -10.10 4.08 0.77
N PRO A 100 -10.66 2.98 1.27
CA PRO A 100 -11.97 2.55 0.77
C PRO A 100 -13.02 3.64 0.96
N LEU A 101 -13.89 3.77 -0.04
CA LEU A 101 -15.06 4.61 0.10
C LEU A 101 -16.06 3.97 1.07
N GLN A 102 -16.96 4.80 1.60
CA GLN A 102 -17.97 4.29 2.52
C GLN A 102 -18.74 3.13 1.90
N SER A 103 -19.12 3.26 0.63
CA SER A 103 -19.84 2.18 -0.03
C SER A 103 -18.99 0.94 -0.24
N GLN A 104 -17.67 1.06 -0.17
CA GLN A 104 -16.77 -0.04 -0.46
C GLN A 104 -16.34 -0.83 0.79
N LEU A 105 -16.84 -0.47 1.97
CA LEU A 105 -16.28 -1.04 3.20
C LEU A 105 -16.57 -2.53 3.32
N GLU A 106 -17.77 -2.96 2.97
CA GLU A 106 -18.08 -4.39 3.05
C GLU A 106 -17.17 -5.19 2.12
N SER A 107 -16.99 -4.71 0.89
CA SER A 107 -16.10 -5.38 -0.04
C SER A 107 -14.65 -5.31 0.43
N HIS A 108 -14.27 -4.17 1.03
CA HIS A 108 -12.90 -3.99 1.54
C HIS A 108 -12.58 -4.98 2.67
N PHE A 109 -13.52 -5.22 3.60
CA PHE A 109 -13.28 -6.20 4.66
C PHE A 109 -13.24 -7.62 4.12
N ARG A 110 -14.04 -7.91 3.09
CA ARG A 110 -13.97 -9.24 2.47
C ARG A 110 -12.60 -9.47 1.84
N MET A 111 -12.06 -8.47 1.16
CA MET A 111 -10.70 -8.58 0.65
C MET A 111 -9.71 -8.83 1.78
N LEU A 112 -9.85 -8.08 2.86
CA LEU A 112 -8.92 -8.20 3.99
C LEU A 112 -8.96 -9.62 4.54
N ALA A 113 -10.17 -10.13 4.80
CA ALA A 113 -10.29 -11.46 5.37
C ALA A 113 -9.84 -12.54 4.40
N GLU A 114 -10.29 -12.47 3.14
CA GLU A 114 -9.90 -13.48 2.16
C GLU A 114 -8.40 -13.56 1.97
N ASN A 115 -7.71 -12.43 2.06
CA ASN A 115 -6.26 -12.37 1.97
C ASN A 115 -5.58 -12.90 3.23
N ARG A 116 -6.34 -13.20 4.30
CA ARG A 116 -5.74 -13.55 5.58
C ARG A 116 -4.63 -12.55 5.92
N THR A 117 -4.99 -11.26 5.77
CA THR A 117 -4.06 -10.14 5.72
C THR A 117 -3.14 -10.14 6.93
N PRO A 118 -1.82 -10.24 6.73
CA PRO A 118 -0.92 -10.33 7.88
C PRO A 118 -0.66 -8.97 8.49
N VAL A 119 -0.80 -7.90 7.71
CA VAL A 119 -0.78 -6.56 8.27
C VAL A 119 -1.52 -5.62 7.32
N LEU A 120 -2.24 -4.68 7.91
CA LEU A 120 -2.87 -3.57 7.19
C LEU A 120 -2.18 -2.29 7.63
N ALA A 121 -1.48 -1.65 6.71
CA ALA A 121 -0.77 -0.41 7.00
C ALA A 121 -1.59 0.74 6.46
N VAL A 122 -2.14 1.55 7.35
CA VAL A 122 -2.90 2.75 6.98
C VAL A 122 -2.00 3.96 7.19
N LEU A 123 -1.70 4.66 6.10
CA LEU A 123 -0.81 5.82 6.11
C LEU A 123 -1.57 7.14 5.98
N ALA A 124 -2.89 7.11 5.93
CA ALA A 124 -3.66 8.35 6.02
C ALA A 124 -3.67 8.83 7.46
N SER A 125 -3.47 10.13 7.66
CA SER A 125 -3.31 10.71 8.98
C SER A 125 -4.64 10.81 9.71
N SER A 126 -4.55 10.90 11.05
CA SER A 126 -5.74 11.13 11.87
C SER A 126 -6.49 12.38 11.44
N SER A 127 -5.76 13.43 11.01
CA SER A 127 -6.41 14.68 10.61
C SER A 127 -7.23 14.50 9.33
N GLU A 128 -6.70 13.75 8.35
CA GLU A 128 -7.44 13.51 7.12
C GLU A 128 -8.71 12.73 7.40
N ILE A 129 -8.58 11.60 8.11
CA ILE A 129 -9.72 10.77 8.46
C ILE A 129 -10.78 11.57 9.20
N ALA A 130 -10.36 12.44 10.12
CA ALA A 130 -11.32 13.23 10.89
C ALA A 130 -12.05 14.25 10.02
N ASN A 131 -11.43 14.69 8.91
CA ASN A 131 -12.03 15.73 8.07
C ASN A 131 -13.12 15.10 7.21
N GLN A 132 -14.37 15.34 7.59
CA GLN A 132 -15.49 14.69 6.93
C GLN A 132 -15.66 15.13 5.47
N ARG A 133 -15.13 16.29 5.08
CA ARG A 133 -15.10 16.63 3.66
C ARG A 133 -14.33 15.60 2.84
N PHE A 134 -13.51 14.75 3.48
CA PHE A 134 -12.70 13.82 2.71
C PHE A 134 -13.38 12.48 2.47
N GLY A 135 -14.52 12.20 3.11
CA GLY A 135 -15.20 10.93 2.95
C GLY A 135 -14.32 9.71 3.20
N MET A 136 -13.61 9.71 4.34
CA MET A 136 -12.64 8.67 4.69
C MET A 136 -13.14 7.98 5.95
N PRO A 137 -13.98 6.96 5.81
CA PRO A 137 -14.61 6.36 7.00
C PRO A 137 -13.59 5.83 7.99
N ASP A 138 -13.88 6.00 9.29
CA ASP A 138 -13.01 5.62 10.39
C ASP A 138 -13.13 4.11 10.69
N TYR A 139 -12.77 3.29 9.71
CA TYR A 139 -13.21 1.90 9.70
C TYR A 139 -12.35 0.98 10.56
N PHE A 140 -11.16 1.41 10.97
CA PHE A 140 -10.26 0.54 11.72
C PHE A 140 -10.02 0.98 13.16
N ARG A 141 -10.44 2.17 13.54
CA ARG A 141 -10.35 2.62 14.93
C ARG A 141 -11.64 2.44 15.70
N GLN A 142 -12.72 2.05 15.03
CA GLN A 142 -14.03 1.90 15.63
C GLN A 142 -14.57 0.51 15.32
N SER A 143 -15.32 -0.05 16.24
CA SER A 143 -16.13 -1.21 15.89
C SER A 143 -17.31 -0.76 15.02
N GLY A 144 -17.72 -1.63 14.12
CA GLY A 144 -18.78 -1.28 13.18
C GLY A 144 -19.39 -2.52 12.57
N THR A 145 -20.42 -2.29 11.77
CA THR A 145 -21.14 -3.34 11.06
C THR A 145 -21.34 -2.91 9.62
N TYR A 146 -21.04 -3.80 8.67
CA TYR A 146 -21.00 -3.42 7.25
C TYR A 146 -21.66 -4.53 6.45
N GLY A 147 -22.96 -4.39 6.23
CA GLY A 147 -23.69 -5.47 5.60
C GLY A 147 -23.70 -6.68 6.50
N SER A 148 -23.29 -7.82 5.95
CA SER A 148 -23.22 -9.04 6.73
C SER A 148 -21.96 -9.12 7.60
N ILE A 149 -21.05 -8.17 7.45
CA ILE A 149 -19.77 -8.21 8.11
C ILE A 149 -19.80 -7.32 9.36
N THR A 150 -19.31 -7.88 10.45
CA THR A 150 -19.18 -7.20 11.73
C THR A 150 -17.71 -7.10 12.08
N VAL A 151 -17.28 -5.91 12.49
CA VAL A 151 -15.87 -5.62 12.73
C VAL A 151 -15.71 -5.09 14.15
N GLU A 152 -14.76 -5.66 14.87
CA GLU A 152 -14.42 -5.27 16.22
C GLU A 152 -12.98 -4.76 16.20
N SER A 153 -12.79 -3.52 16.60
CA SER A 153 -11.47 -2.93 16.65
C SER A 153 -11.00 -2.90 18.10
N LYS A 154 -9.73 -3.22 18.32
CA LYS A 154 -9.12 -3.14 19.63
C LYS A 154 -7.76 -2.48 19.44
N MET A 155 -7.53 -1.39 20.17
CA MET A 155 -6.23 -0.75 20.11
C MET A 155 -5.21 -1.51 20.94
N THR A 156 -4.08 -1.86 20.32
CA THR A 156 -2.98 -2.48 21.05
C THR A 156 -1.94 -1.40 21.31
N GLN A 157 -0.70 -1.63 20.91
CA GLN A 157 0.37 -0.76 21.37
C GLN A 157 0.51 0.49 20.50
N GLN A 158 1.39 1.40 20.92
CA GLN A 158 1.75 2.60 20.17
C GLN A 158 3.26 2.71 20.12
N VAL A 159 3.78 3.15 18.98
CA VAL A 159 5.21 3.07 18.68
C VAL A 159 5.65 4.35 17.97
N GLY A 160 6.77 4.91 18.43
CA GLY A 160 7.37 6.04 17.74
C GLY A 160 8.37 5.56 16.69
N LEU A 161 8.35 6.21 15.53
CA LEU A 161 9.22 5.82 14.41
C LEU A 161 10.34 6.80 14.14
N GLY A 162 10.48 7.83 14.95
CA GLY A 162 11.48 8.86 14.74
C GLY A 162 10.87 10.10 14.11
N ASP A 163 11.55 11.23 14.31
CA ASP A 163 11.15 12.52 13.74
C ASP A 163 9.73 12.92 14.17
N GLY A 164 9.27 12.42 15.30
CA GLY A 164 7.92 12.70 15.73
C GLY A 164 6.83 11.90 15.05
N ILE A 165 7.18 11.02 14.09
CA ILE A 165 6.16 10.23 13.43
C ILE A 165 5.69 9.13 14.38
N MET A 166 4.38 8.91 14.45
CA MET A 166 3.80 8.03 15.46
C MET A 166 2.96 6.96 14.77
N ALA A 167 3.02 5.73 15.28
CA ALA A 167 2.17 4.65 14.81
C ALA A 167 1.31 4.13 15.95
N ASP A 168 0.04 3.90 15.64
CA ASP A 168 -0.93 3.28 16.52
C ASP A 168 -1.24 1.91 15.94
N MET A 169 -1.18 0.87 16.76
CA MET A 169 -1.54 -0.49 16.34
C MET A 169 -2.94 -0.83 16.81
N TYR A 170 -3.65 -1.57 15.97
CA TYR A 170 -4.94 -2.13 16.30
C TYR A 170 -4.93 -3.57 15.81
N THR A 171 -5.92 -4.34 16.27
CA THR A 171 -6.27 -5.59 15.64
C THR A 171 -7.75 -5.51 15.30
N LEU A 172 -8.09 -5.81 14.06
CA LEU A 172 -9.47 -5.77 13.59
C LEU A 172 -9.94 -7.21 13.49
N THR A 173 -11.02 -7.56 14.21
CA THR A 173 -11.60 -8.89 14.11
C THR A 173 -12.80 -8.83 13.17
N ILE A 174 -12.69 -9.53 12.04
CA ILE A 174 -13.67 -9.50 10.96
C ILE A 174 -14.52 -10.77 11.05
N ARG A 175 -15.78 -10.62 11.46
CA ARG A 175 -16.71 -11.74 11.55
C ARG A 175 -17.82 -11.62 10.53
N GLU A 176 -18.29 -12.77 10.06
CA GLU A 176 -19.42 -12.86 9.16
C GLU A 176 -20.05 -14.22 9.37
N ALA A 177 -21.38 -14.26 9.39
CA ALA A 177 -22.08 -15.51 9.62
C ALA A 177 -21.66 -16.55 8.59
N GLY A 178 -21.26 -17.73 9.07
CA GLY A 178 -20.85 -18.81 8.19
C GLY A 178 -19.50 -18.65 7.55
N GLN A 179 -18.75 -17.62 7.92
CA GLN A 179 -17.41 -17.39 7.42
C GLN A 179 -16.41 -17.54 8.55
N LYS A 180 -15.17 -17.87 8.22
CA LYS A 180 -14.15 -17.97 9.24
C LYS A 180 -13.78 -16.58 9.74
N THR A 181 -13.69 -16.44 11.07
CA THR A 181 -13.30 -15.18 11.69
C THR A 181 -11.83 -14.92 11.49
N ILE A 182 -11.49 -13.78 10.90
CA ILE A 182 -10.12 -13.38 10.65
C ILE A 182 -9.81 -12.14 11.48
N SER A 183 -8.62 -12.12 12.09
CA SER A 183 -8.11 -10.96 12.81
C SER A 183 -6.91 -10.38 12.05
N VAL A 184 -6.90 -9.07 11.88
CA VAL A 184 -5.89 -8.39 11.07
C VAL A 184 -5.15 -7.38 11.93
N PRO A 185 -3.83 -7.50 12.07
CA PRO A 185 -3.04 -6.42 12.69
C PRO A 185 -3.01 -5.17 11.83
N VAL A 186 -3.16 -4.02 12.47
CA VAL A 186 -3.22 -2.74 11.79
C VAL A 186 -2.07 -1.89 12.30
N VAL A 187 -1.27 -1.36 11.38
CA VAL A 187 -0.30 -0.32 11.70
C VAL A 187 -0.84 0.97 11.09
N HIS A 188 -1.22 1.91 11.94
CA HIS A 188 -1.73 3.21 11.51
C HIS A 188 -0.72 4.29 11.84
N VAL A 189 -0.05 4.81 10.83
CA VAL A 189 0.84 5.95 10.98
C VAL A 189 -0.04 7.19 11.07
N THR A 190 0.02 7.90 12.20
CA THR A 190 -1.01 8.89 12.48
C THR A 190 -0.74 10.27 11.90
N ASN A 191 0.50 10.59 11.51
CA ASN A 191 0.85 11.97 11.18
C ASN A 191 1.90 12.00 10.07
N TRP A 192 1.69 11.21 9.02
CA TRP A 192 2.43 11.40 7.78
C TRP A 192 1.61 12.27 6.82
N PRO A 193 1.91 13.56 6.72
CA PRO A 193 1.03 14.43 5.94
C PRO A 193 1.03 14.07 4.45
N ASP A 194 -0.15 14.21 3.85
CA ASP A 194 -0.34 14.07 2.41
C ASP A 194 0.73 14.81 1.63
N GLN A 195 1.20 14.19 0.55
CA GLN A 195 2.08 14.83 -0.43
C GLN A 195 3.42 15.24 0.18
N THR A 196 3.86 14.52 1.19
CA THR A 196 5.19 14.68 1.72
C THR A 196 5.87 13.31 1.73
N ALA A 197 7.18 13.34 1.88
CA ALA A 197 7.99 12.15 2.18
C ALA A 197 8.48 12.26 3.62
N VAL A 198 8.13 11.28 4.45
CA VAL A 198 8.87 11.14 5.70
C VAL A 198 10.30 10.73 5.37
N SER A 199 11.18 10.91 6.34
CA SER A 199 12.60 10.73 6.13
C SER A 199 12.92 9.28 5.78
N SER A 200 14.06 9.10 5.12
CA SER A 200 14.54 7.74 4.82
C SER A 200 14.74 6.94 6.09
N GLU A 201 15.22 7.56 7.17
CA GLU A 201 15.37 6.86 8.44
C GLU A 201 14.00 6.44 9.00
N VAL A 202 13.00 7.31 8.94
CA VAL A 202 11.65 6.93 9.35
C VAL A 202 11.08 5.86 8.43
N THR A 203 11.34 5.96 7.12
CA THR A 203 10.79 5.01 6.16
C THR A 203 11.35 3.62 6.41
N LYS A 204 12.66 3.54 6.72
CA LYS A 204 13.27 2.25 7.02
C LYS A 204 12.65 1.65 8.28
N ALA A 205 12.42 2.49 9.31
CA ALA A 205 11.83 2.01 10.57
C ALA A 205 10.39 1.56 10.36
N LEU A 206 9.61 2.26 9.54
CA LEU A 206 8.22 1.87 9.29
C LEU A 206 8.17 0.57 8.47
N ALA A 207 9.04 0.42 7.47
CA ALA A 207 9.04 -0.84 6.73
C ALA A 207 9.40 -2.02 7.64
N SER A 208 10.35 -1.82 8.56
CA SER A 208 10.72 -2.86 9.51
C SER A 208 9.52 -3.27 10.36
N LEU A 209 8.81 -2.28 10.89
CA LEU A 209 7.67 -2.56 11.77
C LEU A 209 6.55 -3.28 11.03
N VAL A 210 6.27 -2.85 9.79
CA VAL A 210 5.22 -3.50 9.01
C VAL A 210 5.62 -4.92 8.64
N ASP A 211 6.87 -5.11 8.23
CA ASP A 211 7.35 -6.46 7.90
C ASP A 211 7.30 -7.37 9.12
N GLN A 212 7.80 -6.89 10.26
CA GLN A 212 7.82 -7.70 11.48
C GLN A 212 6.40 -8.05 11.93
N THR A 213 5.48 -7.07 11.88
CA THR A 213 4.07 -7.34 12.18
C THR A 213 3.51 -8.44 11.28
N ALA A 214 3.82 -8.38 9.98
CA ALA A 214 3.32 -9.36 9.04
C ALA A 214 3.93 -10.74 9.30
N GLU A 215 5.23 -10.79 9.56
CA GLU A 215 5.92 -12.05 9.87
C GLU A 215 5.32 -12.73 11.09
N THR A 216 5.06 -11.97 12.15
CA THR A 216 4.45 -12.55 13.35
C THR A 216 3.08 -13.16 13.05
N LYS A 217 2.27 -12.47 12.25
CA LYS A 217 0.96 -12.97 11.88
C LYS A 217 1.06 -14.20 10.97
N ARG A 218 1.94 -14.13 9.96
CA ARG A 218 2.14 -15.27 9.08
C ARG A 218 2.59 -16.48 9.88
N ASN A 219 3.46 -16.27 10.87
CA ASN A 219 3.97 -17.38 11.67
C ASN A 219 2.83 -18.07 12.43
N MET A 220 1.87 -17.29 12.91
CA MET A 220 0.71 -17.84 13.60
C MET A 220 -0.08 -18.78 12.69
N TYR A 221 -0.36 -18.33 11.46
CA TYR A 221 -1.06 -19.17 10.49
C TYR A 221 -0.26 -20.42 10.16
N GLU A 222 1.04 -20.24 9.95
CA GLU A 222 1.92 -21.38 9.70
C GLU A 222 1.90 -22.38 10.85
N SER A 223 1.94 -21.89 12.10
CA SER A 223 1.98 -22.78 13.24
C SER A 223 0.70 -23.59 13.39
N LYS A 224 -0.39 -23.15 12.76
CA LYS A 224 -1.65 -23.85 12.76
C LYS A 224 -1.90 -24.63 11.46
N GLY A 225 -0.89 -24.75 10.60
CA GLY A 225 -1.03 -25.51 9.38
C GLY A 225 -1.84 -24.86 8.28
N SER A 226 -1.92 -23.54 8.27
CA SER A 226 -2.77 -22.84 7.31
C SER A 226 -2.27 -23.01 5.89
N SER A 227 -3.16 -23.48 5.01
CA SER A 227 -2.86 -23.65 3.60
C SER A 227 -2.70 -22.33 2.85
N ALA A 228 -3.12 -21.20 3.45
CA ALA A 228 -2.88 -19.89 2.85
C ALA A 228 -1.40 -19.51 2.85
N VAL A 229 -0.55 -20.30 3.50
CA VAL A 229 0.88 -20.02 3.56
C VAL A 229 1.54 -20.24 2.20
N ALA A 230 1.01 -21.17 1.41
CA ALA A 230 1.60 -21.55 0.12
C ALA A 230 0.96 -20.83 -1.08
N ASP A 231 0.02 -19.93 -0.84
CA ASP A 231 -0.73 -19.25 -1.90
C ASP A 231 -0.18 -17.84 -2.10
N ASP A 232 0.38 -17.58 -3.29
CA ASP A 232 1.01 -16.29 -3.56
C ASP A 232 0.00 -15.14 -3.50
N SER A 233 -1.25 -15.39 -3.87
CA SER A 233 -2.22 -14.30 -3.81
C SER A 233 -2.59 -13.90 -2.38
N LYS A 234 -2.18 -14.69 -1.38
CA LYS A 234 -2.62 -14.48 0.00
C LYS A 234 -1.45 -14.13 0.91
N LEU A 235 -1.82 -13.78 2.14
CA LEU A 235 -0.89 -13.32 3.17
C LEU A 235 -0.07 -12.12 2.69
N ARG A 236 -0.68 -11.28 1.87
CA ARG A 236 0.00 -10.08 1.43
C ARG A 236 -0.26 -8.93 2.39
N PRO A 237 0.75 -8.14 2.72
CA PRO A 237 0.49 -6.85 3.37
C PRO A 237 -0.45 -6.01 2.51
N VAL A 238 -1.37 -5.30 3.16
CA VAL A 238 -2.30 -4.39 2.49
C VAL A 238 -1.97 -2.99 2.98
N ILE A 239 -1.70 -2.09 2.05
CA ILE A 239 -1.19 -0.76 2.38
C ILE A 239 -2.02 0.28 1.65
N HIS A 240 -2.48 1.29 2.39
CA HIS A 240 -3.13 2.39 1.70
C HIS A 240 -2.87 3.68 2.46
N CYS A 241 -3.02 4.78 1.73
CA CYS A 241 -2.97 6.12 2.30
C CYS A 241 -4.29 6.78 1.92
N ARG A 242 -4.26 7.89 1.20
CA ARG A 242 -5.54 8.43 0.75
C ARG A 242 -5.87 7.89 -0.64
N ALA A 243 -5.01 8.17 -1.61
CA ALA A 243 -5.19 7.63 -2.94
C ALA A 243 -4.48 6.29 -3.13
N GLY A 244 -3.53 5.95 -2.26
CA GLY A 244 -2.78 4.73 -2.44
C GLY A 244 -1.72 4.81 -3.50
N VAL A 245 -1.17 6.02 -3.72
CA VAL A 245 -0.11 6.19 -4.72
C VAL A 245 1.06 7.02 -4.22
N GLY A 246 0.91 7.82 -3.16
CA GLY A 246 2.02 8.64 -2.72
C GLY A 246 2.77 7.95 -1.60
N ARG A 247 2.24 8.09 -0.40
CA ARG A 247 2.89 7.51 0.77
C ARG A 247 2.93 5.99 0.66
N THR A 248 1.87 5.39 0.12
CA THR A 248 1.82 3.94 -0.06
C THR A 248 2.98 3.45 -0.92
N ALA A 249 3.27 4.16 -2.01
CA ALA A 249 4.33 3.73 -2.92
C ALA A 249 5.70 3.86 -2.28
N GLN A 250 5.92 4.93 -1.49
CA GLN A 250 7.17 5.07 -0.77
C GLN A 250 7.37 3.92 0.21
N LEU A 251 6.32 3.51 0.93
CA LEU A 251 6.48 2.39 1.86
C LEU A 251 6.75 1.09 1.12
N ILE A 252 6.04 0.83 0.01
CA ILE A 252 6.26 -0.42 -0.72
C ILE A 252 7.67 -0.47 -1.29
N GLY A 253 8.14 0.66 -1.83
CA GLY A 253 9.51 0.73 -2.29
C GLY A 253 10.50 0.34 -1.21
N ALA A 254 10.29 0.84 0.01
CA ALA A 254 11.20 0.53 1.10
C ALA A 254 11.09 -0.93 1.52
N MET A 255 9.86 -1.45 1.56
CA MET A 255 9.66 -2.85 1.90
C MET A 255 10.33 -3.74 0.86
N CYS A 256 10.16 -3.39 -0.42
CA CYS A 256 10.92 -4.02 -1.50
C CYS A 256 12.41 -4.09 -1.18
N MET A 257 13.00 -2.94 -0.84
CA MET A 257 14.43 -2.91 -0.59
C MET A 257 14.82 -3.63 0.71
N ASN A 258 13.85 -4.00 1.55
CA ASN A 258 14.15 -4.73 2.77
C ASN A 258 14.01 -6.24 2.58
N ASP A 259 13.80 -6.68 1.34
CA ASP A 259 13.71 -8.09 0.98
C ASP A 259 15.02 -8.45 0.32
N SER A 260 15.85 -9.25 1.01
CA SER A 260 17.18 -9.58 0.50
C SER A 260 17.12 -10.26 -0.86
N ARG A 261 16.02 -10.94 -1.16
CA ARG A 261 15.85 -11.59 -2.46
C ARG A 261 15.79 -10.60 -3.61
N ASN A 262 15.65 -9.30 -3.33
CA ASN A 262 15.52 -8.29 -4.39
C ASN A 262 16.85 -7.62 -4.69
N SER A 263 17.95 -8.31 -4.41
CA SER A 263 19.27 -7.83 -4.79
C SER A 263 19.35 -7.50 -6.28
N GLN A 264 19.92 -6.32 -6.58
CA GLN A 264 20.23 -5.77 -7.90
C GLN A 264 19.03 -5.15 -8.62
N LEU A 265 17.84 -5.22 -8.06
CA LEU A 265 16.68 -4.60 -8.70
C LEU A 265 16.84 -3.09 -8.62
N SER A 266 16.82 -2.41 -9.76
CA SER A 266 17.09 -0.98 -9.80
C SER A 266 15.86 -0.17 -9.35
N VAL A 267 16.10 1.10 -9.02
CA VAL A 267 15.01 2.01 -8.67
C VAL A 267 14.07 2.19 -9.86
N GLU A 268 14.62 2.36 -11.06
CA GLU A 268 13.77 2.45 -12.27
C GLU A 268 12.81 1.27 -12.35
N ASP A 269 13.30 0.05 -12.12
CA ASP A 269 12.44 -1.12 -12.25
C ASP A 269 11.38 -1.18 -11.16
N MET A 270 11.75 -0.88 -9.90
CA MET A 270 10.77 -0.93 -8.81
C MET A 270 9.61 0.02 -9.07
N VAL A 271 9.92 1.26 -9.44
CA VAL A 271 8.83 2.22 -9.67
C VAL A 271 8.04 1.84 -10.90
N SER A 272 8.74 1.48 -12.00
CA SER A 272 8.04 1.06 -13.22
C SER A 272 7.08 -0.09 -12.93
N GLN A 273 7.51 -1.04 -12.11
CA GLN A 273 6.65 -2.16 -11.78
C GLN A 273 5.45 -1.73 -10.96
N MET A 274 5.67 -0.87 -9.96
CA MET A 274 4.52 -0.30 -9.25
C MET A 274 3.59 0.42 -10.22
N ARG A 275 4.16 1.19 -11.14
CA ARG A 275 3.31 2.01 -12.01
C ARG A 275 2.52 1.15 -12.99
N VAL A 276 3.14 0.11 -13.57
CA VAL A 276 2.44 -0.73 -14.54
C VAL A 276 1.44 -1.65 -13.83
N GLN A 277 1.59 -1.85 -12.53
CA GLN A 277 0.71 -2.75 -11.81
C GLN A 277 -0.38 -2.01 -11.02
N ARG A 278 -0.36 -0.68 -11.02
CA ARG A 278 -1.35 0.11 -10.27
C ARG A 278 -1.85 1.27 -11.13
N ASN A 279 -1.07 2.35 -11.21
CA ASN A 279 -1.29 3.44 -12.16
C ASN A 279 0.01 4.22 -12.26
N GLY A 280 0.03 5.22 -13.14
CA GLY A 280 1.23 5.99 -13.40
C GLY A 280 1.61 6.98 -12.33
N ILE A 281 0.78 7.13 -11.30
CA ILE A 281 1.03 8.08 -10.22
C ILE A 281 1.85 7.49 -9.07
N MET A 282 2.04 6.17 -9.04
CA MET A 282 2.79 5.55 -7.94
C MET A 282 4.15 6.20 -7.80
N VAL A 283 4.46 6.61 -6.56
CA VAL A 283 5.52 7.56 -6.24
C VAL A 283 5.10 8.90 -6.83
N GLN A 284 4.31 9.66 -6.08
CA GLN A 284 3.60 10.82 -6.59
C GLN A 284 4.48 12.06 -6.56
N LYS A 285 5.21 12.28 -5.48
CA LYS A 285 6.02 13.47 -5.32
C LYS A 285 7.47 13.16 -5.57
N ASP A 286 8.18 14.13 -6.15
CA ASP A 286 9.62 14.02 -6.29
C ASP A 286 10.32 13.69 -4.97
N GLU A 287 9.86 14.31 -3.87
CA GLU A 287 10.47 14.08 -2.57
C GLU A 287 10.35 12.62 -2.14
N GLN A 288 9.28 11.93 -2.55
CA GLN A 288 9.14 10.53 -2.20
C GLN A 288 10.08 9.66 -3.03
N LEU A 289 10.28 10.01 -4.30
CA LEU A 289 11.31 9.33 -5.08
C LEU A 289 12.69 9.55 -4.50
N ASP A 290 12.94 10.76 -3.95
CA ASP A 290 14.25 11.07 -3.39
C ASP A 290 14.56 10.19 -2.20
N VAL A 291 13.55 9.77 -1.44
CA VAL A 291 13.81 8.88 -0.32
C VAL A 291 14.09 7.48 -0.84
N LEU A 292 13.44 7.10 -1.93
CA LEU A 292 13.78 5.81 -2.54
C LEU A 292 15.19 5.84 -3.11
N ILE A 293 15.55 6.93 -3.79
CA ILE A 293 16.91 7.07 -4.29
C ILE A 293 17.91 7.02 -3.14
N LYS A 294 17.59 7.65 -2.01
CA LYS A 294 18.54 7.70 -0.90
C LYS A 294 18.70 6.33 -0.26
N LEU A 295 17.61 5.60 -0.04
CA LEU A 295 17.72 4.24 0.48
C LEU A 295 18.54 3.38 -0.48
N ALA A 296 18.26 3.46 -1.78
CA ALA A 296 18.99 2.66 -2.76
C ALA A 296 20.47 2.98 -2.70
N GLU A 297 20.81 4.27 -2.66
CA GLU A 297 22.22 4.68 -2.55
C GLU A 297 22.88 4.08 -1.31
N GLY A 298 22.15 4.05 -0.20
CA GLY A 298 22.70 3.46 1.02
C GLY A 298 22.98 1.99 0.89
N GLN A 299 22.26 1.30 -0.02
CA GLN A 299 22.46 -0.11 -0.31
C GLN A 299 23.42 -0.38 -1.44
N GLY A 300 23.84 0.65 -2.20
CA GLY A 300 24.57 0.39 -3.43
C GLY A 300 23.71 -0.22 -4.52
N ARG A 301 22.42 -0.06 -4.42
CA ARG A 301 21.40 -0.48 -5.37
C ARG A 301 21.37 0.48 -6.56
N PRO A 302 21.35 -0.04 -7.80
CA PRO A 302 21.35 0.85 -8.97
C PRO A 302 20.10 1.72 -9.06
N LEU A 303 20.27 2.92 -9.63
CA LEU A 303 19.12 3.74 -10.00
C LEU A 303 18.52 3.30 -11.32
N LEU A 304 19.38 3.08 -12.33
CA LEU A 304 18.97 2.89 -13.71
C LEU A 304 19.23 1.46 -14.17
N ASN A 305 18.54 1.07 -15.23
CA ASN A 305 18.74 -0.20 -15.90
C ASN A 305 19.87 -0.09 -16.91
N SER A 306 20.63 -1.17 -17.05
CA SER A 306 21.83 -1.28 -17.91
C SER A 306 22.97 -0.42 -17.38
N1 EPE B . -3.25 12.81 -3.93
C2 EPE B . -2.20 13.53 -4.68
C3 EPE B . -2.73 14.83 -5.29
N4 EPE B . -3.94 14.61 -6.06
C5 EPE B . -4.97 13.84 -5.41
C6 EPE B . -4.43 12.56 -4.79
C7 EPE B . -4.34 15.63 -7.02
C8 EPE B . -3.18 16.39 -7.64
O8 EPE B . -3.60 17.68 -8.02
C9 EPE B . -2.70 11.48 -3.60
C10 EPE B . -1.74 11.55 -2.42
S EPE B . -1.57 9.97 -1.54
O1S EPE B . -0.31 9.98 -0.78
O2S EPE B . -1.58 8.86 -2.51
O3S EPE B . -2.72 9.76 -0.65
#